data_5UV4
#
_entry.id   5UV4
#
_cell.length_a   53.444
_cell.length_b   74.532
_cell.length_c   79.742
_cell.angle_alpha   90.00
_cell.angle_beta   90.00
_cell.angle_gamma   90.00
#
_symmetry.space_group_name_H-M   'P 21 21 21'
#
loop_
_entity.id
_entity.type
_entity.pdbx_description
1 polymer 'Putative leucine-rich repeat protein kinase family protein'
2 non-polymer 'PHOSPHOAMINOPHOSPHONIC ACID-ADENYLATE ESTER'
3 non-polymer 'MAGNESIUM ION'
4 water water
#
_entity_poly.entity_id   1
_entity_poly.type   'polypeptide(L)'
_entity_poly.pdbx_seq_one_letter_code
;SMSPDKLVGDLHLFDNSVVFTAEELSCAPAEIIGRSCHGTSYKATLDNGYMLTVKWLKEGFAKSKKEFSREIKKLGSVRH
PNLVPLRGYYWGPKEHERIMISDYADATSLSTYLSEFDERNLPPLSAGQRLNIAIDIARCLDYLHNERVIPHGNIKSSNV
LIQNSTPSALVTDYSLHRLMTPIGMAEQVLNAGALGYSPPEFSSTSKPCPSLKSDVYAFGVILLELLTGKIAGEIICMND
GVVDLTDWVRMLDLEERVSECYDRHITGVESSEGAPQALDGMLRIALRCIRSASERPEVRTVFEDLLSLSS
;
_entity_poly.pdbx_strand_id   A
#
loop_
_chem_comp.id
_chem_comp.type
_chem_comp.name
_chem_comp.formula
ANP non-polymer 'PHOSPHOAMINOPHOSPHONIC ACID-ADENYLATE ESTER' 'C10 H17 N6 O12 P3'
MG non-polymer 'MAGNESIUM ION' 'Mg 2'
#
# COMPACT_ATOMS: atom_id res chain seq x y z
N ASP A 10 -7.33 -25.68 9.88
CA ASP A 10 -7.87 -24.58 10.68
C ASP A 10 -8.07 -23.32 9.84
N LEU A 11 -9.33 -22.97 9.63
CA LEU A 11 -9.75 -21.80 8.87
C LEU A 11 -10.65 -20.90 9.75
N HIS A 12 -10.30 -19.61 9.87
CA HIS A 12 -11.06 -18.66 10.69
C HIS A 12 -11.65 -17.55 9.83
N LEU A 13 -12.93 -17.28 10.02
CA LEU A 13 -13.61 -16.22 9.31
C LEU A 13 -14.11 -15.20 10.34
N PHE A 14 -13.81 -13.91 10.11
CA PHE A 14 -14.20 -12.83 11.04
C PHE A 14 -15.72 -12.58 11.07
N ASP A 15 -16.39 -12.54 9.89
CA ASP A 15 -17.85 -12.35 9.78
C ASP A 15 -18.51 -13.57 9.12
N ASN A 16 -19.85 -13.56 9.05
CA ASN A 16 -20.64 -14.62 8.41
C ASN A 16 -21.03 -14.20 6.98
N SER A 17 -20.55 -13.01 6.56
CA SER A 17 -20.80 -12.38 5.26
C SER A 17 -20.25 -13.19 4.09
N VAL A 18 -19.07 -13.79 4.25
CA VAL A 18 -18.39 -14.61 3.23
C VAL A 18 -18.00 -15.91 3.93
N VAL A 19 -18.66 -17.01 3.53
CA VAL A 19 -18.53 -18.34 4.13
C VAL A 19 -18.10 -19.39 3.11
N PHE A 20 -17.09 -20.21 3.51
CA PHE A 20 -16.55 -21.33 2.72
C PHE A 20 -15.77 -22.28 3.63
N THR A 21 -15.43 -23.46 3.11
CA THR A 21 -14.65 -24.46 3.81
C THR A 21 -13.15 -24.32 3.46
N ALA A 22 -12.28 -24.91 4.31
CA ALA A 22 -10.83 -24.98 4.08
C ALA A 22 -10.60 -25.91 2.85
N GLU A 23 -11.39 -27.01 2.76
CA GLU A 23 -11.36 -27.96 1.64
C GLU A 23 -11.88 -27.30 0.35
N GLU A 24 -12.82 -26.34 0.48
CA GLU A 24 -13.37 -25.60 -0.66
C GLU A 24 -12.31 -24.63 -1.21
N LEU A 25 -11.56 -23.96 -0.32
CA LEU A 25 -10.49 -23.02 -0.68
C LEU A 25 -9.32 -23.72 -1.38
N SER A 26 -8.89 -24.88 -0.85
CA SER A 26 -7.81 -25.70 -1.39
C SER A 26 -8.15 -26.34 -2.76
N CYS A 27 -9.44 -26.67 -3.01
CA CYS A 27 -9.86 -27.28 -4.28
C CYS A 27 -10.41 -26.24 -5.28
N ALA A 28 -10.18 -24.95 -5.00
CA ALA A 28 -10.65 -23.84 -5.83
C ALA A 28 -9.66 -23.49 -6.94
N PRO A 29 -10.18 -23.12 -8.16
CA PRO A 29 -9.26 -22.68 -9.22
C PRO A 29 -8.43 -21.50 -8.69
N ALA A 30 -7.10 -21.70 -8.65
CA ALA A 30 -6.16 -20.71 -8.12
C ALA A 30 -5.13 -20.29 -9.15
N GLU A 31 -4.84 -19.00 -9.22
CA GLU A 31 -3.81 -18.48 -10.14
C GLU A 31 -2.92 -17.47 -9.42
N ILE A 32 -1.61 -17.57 -9.63
CA ILE A 32 -0.61 -16.70 -9.01
C ILE A 32 -0.79 -15.21 -9.44
N ILE A 33 -0.89 -14.32 -8.46
CA ILE A 33 -1.01 -12.88 -8.65
C ILE A 33 0.43 -12.35 -8.70
N GLY A 34 1.22 -12.74 -7.72
CA GLY A 34 2.62 -12.33 -7.65
C GLY A 34 3.34 -12.74 -6.39
N ARG A 35 4.64 -12.40 -6.34
CA ARG A 35 5.54 -12.70 -5.24
C ARG A 35 6.11 -11.42 -4.65
N SER A 36 6.42 -11.44 -3.36
CA SER A 36 6.98 -10.29 -2.66
C SER A 36 7.86 -10.74 -1.49
N CYS A 37 8.34 -9.75 -0.70
CA CYS A 37 9.17 -9.94 0.48
C CYS A 37 8.39 -10.70 1.54
N HIS A 38 7.10 -10.43 1.62
CA HIS A 38 6.18 -11.11 2.52
C HIS A 38 5.92 -12.58 2.17
N GLY A 39 5.80 -12.85 0.87
CA GLY A 39 5.51 -14.20 0.40
C GLY A 39 4.90 -14.17 -1.00
N THR A 40 3.83 -14.93 -1.20
CA THR A 40 3.15 -14.97 -2.48
C THR A 40 1.61 -14.84 -2.42
N SER A 41 1.04 -14.11 -3.38
CA SER A 41 -0.39 -13.87 -3.52
C SER A 41 -1.01 -14.72 -4.64
N TYR A 42 -2.20 -15.28 -4.37
CA TYR A 42 -2.99 -16.05 -5.32
C TYR A 42 -4.42 -15.53 -5.37
N LYS A 43 -5.03 -15.69 -6.54
CA LYS A 43 -6.44 -15.39 -6.78
C LYS A 43 -7.15 -16.75 -6.75
N ALA A 44 -8.10 -16.91 -5.83
CA ALA A 44 -8.93 -18.11 -5.67
C ALA A 44 -10.37 -17.76 -6.00
N THR A 45 -11.00 -18.58 -6.83
CA THR A 45 -12.39 -18.36 -7.24
C THR A 45 -13.30 -19.45 -6.66
N LEU A 46 -14.22 -19.04 -5.77
CA LEU A 46 -15.21 -19.91 -5.10
C LEU A 46 -16.26 -20.36 -6.11
N ASP A 47 -16.94 -21.48 -5.80
CA ASP A 47 -17.99 -22.09 -6.64
C ASP A 47 -19.08 -21.11 -7.09
N ASN A 48 -19.49 -20.18 -6.20
CA ASN A 48 -20.53 -19.17 -6.43
C ASN A 48 -20.07 -17.91 -7.19
N GLY A 49 -18.80 -17.83 -7.55
CA GLY A 49 -18.23 -16.70 -8.27
C GLY A 49 -17.42 -15.74 -7.41
N TYR A 50 -17.47 -15.92 -6.07
CA TYR A 50 -16.75 -15.05 -5.13
C TYR A 50 -15.23 -15.21 -5.31
N MET A 51 -14.52 -14.09 -5.49
CA MET A 51 -13.08 -14.13 -5.72
C MET A 51 -12.33 -13.62 -4.51
N LEU A 52 -11.31 -14.38 -4.10
CA LEU A 52 -10.52 -14.06 -2.92
C LEU A 52 -9.04 -13.89 -3.22
N THR A 53 -8.34 -13.11 -2.39
CA THR A 53 -6.88 -12.98 -2.45
C THR A 53 -6.37 -13.89 -1.34
N VAL A 54 -5.48 -14.82 -1.69
CA VAL A 54 -4.88 -15.82 -0.77
C VAL A 54 -3.37 -15.52 -0.71
N LYS A 55 -2.97 -14.82 0.37
CA LYS A 55 -1.61 -14.36 0.64
C LYS A 55 -0.92 -15.30 1.63
N TRP A 56 0.09 -16.04 1.15
CA TRP A 56 0.88 -16.97 1.95
C TRP A 56 2.09 -16.26 2.49
N LEU A 57 2.26 -16.27 3.80
CA LEU A 57 3.43 -15.66 4.39
C LEU A 57 4.59 -16.64 4.36
N LYS A 58 5.80 -16.16 4.05
CA LYS A 58 7.02 -16.99 4.04
C LYS A 58 7.13 -17.64 5.45
N GLU A 59 7.64 -18.89 5.50
CA GLU A 59 7.85 -19.65 6.74
C GLU A 59 8.77 -18.86 7.69
N GLY A 60 8.45 -18.87 8.98
CA GLY A 60 9.16 -18.12 10.02
C GLY A 60 8.71 -16.67 10.13
N PHE A 61 7.94 -16.14 9.15
CA PHE A 61 7.47 -14.74 9.19
C PHE A 61 6.30 -14.51 10.15
N ALA A 62 5.32 -15.43 10.20
CA ALA A 62 4.16 -15.34 11.09
C ALA A 62 4.56 -15.53 12.55
N LYS A 63 4.00 -14.70 13.45
CA LYS A 63 4.20 -14.77 14.91
C LYS A 63 3.55 -16.09 15.40
N SER A 64 3.74 -16.44 16.69
CA SER A 64 3.15 -17.63 17.30
C SER A 64 1.63 -17.52 17.27
N LYS A 65 0.90 -18.63 17.08
CA LYS A 65 -0.57 -18.73 16.94
C LYS A 65 -1.39 -17.78 17.82
N LYS A 66 -1.04 -17.68 19.10
CA LYS A 66 -1.73 -16.84 20.08
C LYS A 66 -1.65 -15.34 19.74
N GLU A 67 -0.45 -14.84 19.44
CA GLU A 67 -0.22 -13.43 19.09
C GLU A 67 -0.81 -13.13 17.72
N PHE A 68 -0.49 -13.97 16.72
CA PHE A 68 -1.02 -13.79 15.36
C PHE A 68 -2.55 -13.65 15.38
N SER A 69 -3.29 -14.61 15.99
CA SER A 69 -4.75 -14.60 16.07
C SER A 69 -5.28 -13.34 16.72
N ARG A 70 -4.67 -12.95 17.85
CA ARG A 70 -5.03 -11.77 18.62
C ARG A 70 -4.88 -10.52 17.74
N GLU A 71 -3.72 -10.37 17.09
CA GLU A 71 -3.39 -9.23 16.23
C GLU A 71 -4.25 -9.16 14.98
N ILE A 72 -4.45 -10.30 14.28
CA ILE A 72 -5.23 -10.36 13.03
C ILE A 72 -6.72 -10.10 13.28
N LYS A 73 -7.27 -10.47 14.45
CA LYS A 73 -8.69 -10.21 14.72
C LYS A 73 -8.92 -8.68 14.81
N LYS A 74 -7.92 -7.94 15.35
CA LYS A 74 -7.96 -6.49 15.40
C LYS A 74 -7.96 -5.90 13.97
N LEU A 75 -7.19 -6.53 13.05
CA LEU A 75 -7.10 -6.16 11.64
C LEU A 75 -8.37 -6.52 10.85
N GLY A 76 -8.99 -7.63 11.22
CA GLY A 76 -10.23 -8.12 10.65
C GLY A 76 -11.38 -7.15 10.86
N SER A 77 -11.43 -6.47 12.02
CA SER A 77 -12.48 -5.49 12.32
C SER A 77 -12.27 -4.16 11.62
N VAL A 78 -11.08 -3.95 10.99
CA VAL A 78 -10.78 -2.71 10.28
C VAL A 78 -11.46 -2.72 8.93
N ARG A 79 -12.43 -1.80 8.76
CA ARG A 79 -13.20 -1.72 7.51
C ARG A 79 -13.33 -0.28 7.02
N HIS A 80 -13.04 -0.09 5.72
CA HIS A 80 -13.11 1.21 5.07
C HIS A 80 -13.43 1.03 3.57
N PRO A 81 -14.25 1.90 2.94
CA PRO A 81 -14.54 1.70 1.49
C PRO A 81 -13.27 1.70 0.63
N ASN A 82 -12.24 2.44 1.03
CA ASN A 82 -10.99 2.48 0.25
C ASN A 82 -9.94 1.42 0.67
N LEU A 83 -10.29 0.51 1.57
CA LEU A 83 -9.40 -0.51 2.07
C LEU A 83 -9.97 -1.87 1.70
N VAL A 84 -9.14 -2.77 1.14
CA VAL A 84 -9.63 -4.09 0.72
C VAL A 84 -9.99 -4.94 1.98
N PRO A 85 -11.23 -5.53 2.07
CA PRO A 85 -11.58 -6.33 3.27
C PRO A 85 -10.80 -7.61 3.42
N LEU A 86 -10.32 -7.84 4.65
CA LEU A 86 -9.64 -9.03 5.14
C LEU A 86 -10.77 -9.88 5.73
N ARG A 87 -10.94 -11.08 5.18
CA ARG A 87 -12.04 -11.99 5.53
C ARG A 87 -11.70 -13.09 6.50
N GLY A 88 -10.44 -13.47 6.54
CA GLY A 88 -10.01 -14.51 7.44
C GLY A 88 -8.56 -14.89 7.26
N TYR A 89 -8.25 -16.07 7.75
CA TYR A 89 -6.92 -16.64 7.67
C TYR A 89 -6.96 -18.14 7.83
N TYR A 90 -5.92 -18.79 7.29
CA TYR A 90 -5.73 -20.22 7.40
C TYR A 90 -4.43 -20.45 8.13
N TRP A 91 -4.49 -21.39 9.08
CA TRP A 91 -3.38 -21.81 9.90
C TRP A 91 -3.34 -23.34 9.80
N GLY A 92 -2.38 -23.87 9.05
CA GLY A 92 -2.25 -25.31 8.83
C GLY A 92 -1.27 -26.03 9.72
N PRO A 93 -1.27 -27.40 9.71
CA PRO A 93 -0.33 -28.17 10.55
C PRO A 93 1.15 -27.91 10.25
N LYS A 94 1.49 -27.62 8.98
CA LYS A 94 2.85 -27.31 8.56
C LYS A 94 3.20 -25.81 8.75
N GLU A 95 4.49 -25.51 8.95
CA GLU A 95 5.03 -24.17 9.21
C GLU A 95 4.88 -23.17 8.05
N HIS A 96 4.80 -23.66 6.81
CA HIS A 96 4.62 -22.81 5.62
C HIS A 96 3.16 -22.41 5.39
N GLU A 97 2.19 -23.09 6.08
CA GLU A 97 0.75 -22.88 5.95
C GLU A 97 0.20 -21.74 6.83
N ARG A 98 0.61 -20.50 6.50
CA ARG A 98 0.24 -19.26 7.19
C ARG A 98 -0.33 -18.35 6.10
N ILE A 99 -1.67 -18.35 5.98
CA ILE A 99 -2.38 -17.64 4.92
C ILE A 99 -3.33 -16.53 5.43
N MET A 100 -3.22 -15.33 4.83
CA MET A 100 -4.15 -14.21 5.05
C MET A 100 -5.15 -14.22 3.86
N ILE A 101 -6.47 -14.12 4.14
CA ILE A 101 -7.52 -14.17 3.11
C ILE A 101 -8.32 -12.86 3.06
N SER A 102 -8.35 -12.23 1.86
CA SER A 102 -9.02 -10.96 1.62
C SER A 102 -9.90 -11.07 0.39
N ASP A 103 -10.64 -10.00 0.10
CA ASP A 103 -11.41 -9.93 -1.13
C ASP A 103 -10.45 -9.72 -2.28
N TYR A 104 -10.86 -10.18 -3.48
CA TYR A 104 -10.10 -9.95 -4.70
C TYR A 104 -10.81 -8.82 -5.45
N ALA A 105 -10.05 -7.83 -5.92
CA ALA A 105 -10.58 -6.73 -6.73
C ALA A 105 -9.98 -6.82 -8.10
N ASP A 106 -10.86 -6.78 -9.09
CA ASP A 106 -10.49 -6.77 -10.50
C ASP A 106 -9.96 -5.37 -10.73
N ALA A 107 -8.64 -5.25 -10.76
CA ALA A 107 -7.96 -3.97 -10.79
C ALA A 107 -6.59 -4.12 -11.40
N THR A 108 -5.86 -3.03 -11.45
CA THR A 108 -4.48 -2.95 -11.90
C THR A 108 -3.82 -2.09 -10.87
N SER A 109 -2.67 -2.51 -10.38
CA SER A 109 -2.00 -1.73 -9.35
C SER A 109 -1.43 -0.45 -9.90
N LEU A 110 -1.22 0.53 -9.01
CA LEU A 110 -0.61 1.81 -9.37
C LEU A 110 0.76 1.62 -10.03
N SER A 111 1.68 0.85 -9.44
CA SER A 111 3.00 0.61 -10.07
C SER A 111 2.91 -0.08 -11.43
N THR A 112 1.96 -0.99 -11.60
CA THR A 112 1.78 -1.61 -12.89
C THR A 112 1.20 -0.58 -13.88
N TYR A 113 0.30 0.27 -13.40
CA TYR A 113 -0.29 1.28 -14.28
C TYR A 113 0.77 2.25 -14.76
N LEU A 114 1.57 2.79 -13.83
CA LEU A 114 2.62 3.75 -14.13
C LEU A 114 3.76 3.21 -15.01
N SER A 115 4.19 1.99 -14.78
CA SER A 115 5.27 1.44 -15.58
C SER A 115 4.86 0.81 -16.90
N GLU A 116 3.74 0.10 -16.94
CA GLU A 116 3.32 -0.58 -18.16
C GLU A 116 2.10 -0.04 -18.88
N PHE A 117 1.74 1.22 -18.68
CA PHE A 117 0.57 1.75 -19.37
C PHE A 117 0.72 1.79 -20.89
N ASP A 118 1.91 2.14 -21.38
CA ASP A 118 2.15 2.21 -22.83
C ASP A 118 2.03 0.86 -23.52
N GLU A 119 2.59 -0.19 -22.91
CA GLU A 119 2.56 -1.52 -23.50
C GLU A 119 1.13 -2.02 -23.61
N ARG A 120 0.34 -1.75 -22.58
CA ARG A 120 -1.05 -2.14 -22.52
C ARG A 120 -1.94 -1.15 -23.28
N ASN A 121 -3.21 -1.48 -23.43
CA ASN A 121 -4.12 -0.57 -24.12
C ASN A 121 -4.30 0.76 -23.40
N LEU A 122 -4.37 0.71 -22.07
CA LEU A 122 -4.60 1.87 -21.21
C LEU A 122 -3.99 3.22 -21.54
N PRO A 123 -4.82 4.26 -21.42
CA PRO A 123 -4.39 5.67 -21.61
C PRO A 123 -3.67 6.15 -20.33
N PRO A 124 -2.77 7.16 -20.38
CA PRO A 124 -2.16 7.63 -19.12
C PRO A 124 -3.21 8.16 -18.14
N LEU A 125 -2.86 8.21 -16.86
CA LEU A 125 -3.79 8.73 -15.86
C LEU A 125 -3.80 10.26 -16.04
N SER A 126 -5.00 10.86 -16.08
CA SER A 126 -5.13 12.31 -16.21
C SER A 126 -4.69 12.96 -14.88
N ALA A 127 -4.55 14.28 -14.86
CA ALA A 127 -4.23 15.05 -13.66
C ALA A 127 -5.28 14.82 -12.52
N GLY A 128 -6.56 14.78 -12.90
CA GLY A 128 -7.70 14.61 -11.99
C GLY A 128 -7.75 13.25 -11.34
N GLN A 129 -7.44 12.22 -12.10
CA GLN A 129 -7.40 10.83 -11.63
C GLN A 129 -6.33 10.62 -10.62
N ARG A 130 -5.16 11.26 -10.82
CA ARG A 130 -4.00 11.29 -9.93
C ARG A 130 -4.40 11.98 -8.64
N LEU A 131 -5.07 13.18 -8.71
CA LEU A 131 -5.55 13.81 -7.49
C LEU A 131 -6.52 12.87 -6.75
N ASN A 132 -7.44 12.24 -7.48
CA ASN A 132 -8.45 11.35 -6.89
C ASN A 132 -7.90 10.17 -6.21
N ILE A 133 -6.92 9.48 -6.81
CA ILE A 133 -6.23 8.32 -6.22
C ILE A 133 -5.63 8.75 -4.90
N ALA A 134 -4.95 9.91 -4.90
CA ALA A 134 -4.27 10.50 -3.76
C ALA A 134 -5.23 10.76 -2.62
N ILE A 135 -6.47 11.25 -2.93
CA ILE A 135 -7.49 11.55 -1.91
C ILE A 135 -8.07 10.27 -1.30
N ASP A 136 -8.29 9.26 -2.11
CA ASP A 136 -8.78 7.95 -1.69
C ASP A 136 -7.77 7.28 -0.75
N ILE A 137 -6.45 7.46 -1.01
CA ILE A 137 -5.45 6.86 -0.15
C ILE A 137 -5.40 7.61 1.19
N ALA A 138 -5.31 8.94 1.15
CA ALA A 138 -5.26 9.78 2.36
C ALA A 138 -6.49 9.57 3.25
N ARG A 139 -7.68 9.35 2.65
CA ARG A 139 -8.95 9.07 3.33
C ARG A 139 -8.84 7.81 4.20
N CYS A 140 -8.28 6.76 3.61
CA CYS A 140 -8.06 5.48 4.24
C CYS A 140 -7.03 5.58 5.40
N LEU A 141 -5.90 6.25 5.17
CA LEU A 141 -4.90 6.44 6.22
C LEU A 141 -5.44 7.31 7.32
N ASP A 142 -6.30 8.31 6.98
CA ASP A 142 -6.90 9.19 7.97
C ASP A 142 -7.67 8.35 9.00
N TYR A 143 -8.47 7.40 8.51
CA TYR A 143 -9.29 6.50 9.30
C TYR A 143 -8.44 5.58 10.16
N LEU A 144 -7.36 5.01 9.58
CA LEU A 144 -6.45 4.09 10.24
C LEU A 144 -5.77 4.84 11.36
N HIS A 145 -5.23 6.05 11.05
CA HIS A 145 -4.48 6.84 12.00
C HIS A 145 -5.34 7.41 13.08
N ASN A 146 -6.49 8.00 12.73
CA ASN A 146 -7.32 8.71 13.72
C ASN A 146 -8.34 7.87 14.45
N GLU A 147 -9.05 6.98 13.76
CA GLU A 147 -10.11 6.21 14.41
C GLU A 147 -9.64 4.89 15.03
N ARG A 148 -8.77 4.14 14.32
CA ARG A 148 -8.27 2.83 14.75
C ARG A 148 -6.92 2.86 15.49
N VAL A 149 -6.12 3.91 15.21
CA VAL A 149 -4.79 4.16 15.74
C VAL A 149 -3.89 2.96 15.44
N ILE A 150 -3.89 2.58 14.16
CA ILE A 150 -3.12 1.46 13.63
C ILE A 150 -2.43 1.95 12.34
N PRO A 151 -1.10 1.78 12.20
CA PRO A 151 -0.47 2.19 10.94
C PRO A 151 -0.73 1.17 9.83
N HIS A 152 -0.71 1.60 8.57
CA HIS A 152 -0.70 0.67 7.46
C HIS A 152 0.71 -0.02 7.53
N GLY A 153 1.76 0.78 7.36
CA GLY A 153 3.14 0.36 7.50
C GLY A 153 3.75 -0.35 6.32
N ASN A 154 2.92 -0.63 5.32
CA ASN A 154 3.35 -1.32 4.13
C ASN A 154 2.98 -0.54 2.88
N ILE A 155 2.87 0.77 3.00
CA ILE A 155 2.51 1.57 1.86
C ILE A 155 3.53 1.50 0.74
N LYS A 156 3.03 1.22 -0.45
CA LYS A 156 3.82 1.12 -1.66
C LYS A 156 2.86 1.15 -2.82
N SER A 157 3.34 1.56 -4.00
CA SER A 157 2.46 1.68 -5.15
C SER A 157 1.88 0.33 -5.59
N SER A 158 2.52 -0.79 -5.20
CA SER A 158 1.99 -2.10 -5.54
C SER A 158 0.78 -2.47 -4.64
N ASN A 159 0.57 -1.69 -3.55
CA ASN A 159 -0.54 -1.88 -2.60
C ASN A 159 -1.64 -0.83 -2.80
N VAL A 160 -1.60 -0.14 -3.92
CA VAL A 160 -2.63 0.79 -4.35
C VAL A 160 -3.25 0.14 -5.62
N LEU A 161 -4.54 -0.27 -5.57
CA LEU A 161 -5.22 -0.87 -6.73
C LEU A 161 -6.18 0.10 -7.38
N ILE A 162 -6.14 0.14 -8.71
CA ILE A 162 -6.97 0.99 -9.58
C ILE A 162 -8.03 0.13 -10.22
N GLN A 163 -9.29 0.47 -10.03
CA GLN A 163 -10.40 -0.28 -10.63
C GLN A 163 -11.38 0.67 -11.31
N ASN A 164 -12.07 0.17 -12.33
CA ASN A 164 -13.05 0.97 -13.06
C ASN A 164 -14.21 1.38 -12.18
N SER A 165 -14.65 0.44 -11.35
CA SER A 165 -15.76 0.64 -10.42
C SER A 165 -15.40 1.54 -9.24
N THR A 166 -16.41 2.06 -8.57
CA THR A 166 -16.21 2.89 -7.38
C THR A 166 -15.99 1.98 -6.16
N PRO A 167 -14.98 2.26 -5.33
CA PRO A 167 -14.13 3.45 -5.41
C PRO A 167 -12.98 3.25 -6.38
N SER A 168 -12.53 4.32 -7.00
CA SER A 168 -11.52 4.23 -8.06
C SER A 168 -10.22 3.63 -7.47
N ALA A 169 -9.85 4.02 -6.23
CA ALA A 169 -8.66 3.46 -5.62
C ALA A 169 -8.91 2.67 -4.32
N LEU A 170 -8.20 1.54 -4.18
CA LEU A 170 -8.20 0.60 -3.05
C LEU A 170 -6.79 0.39 -2.48
N VAL A 171 -6.66 0.36 -1.16
CA VAL A 171 -5.41 0.13 -0.47
C VAL A 171 -5.44 -1.32 0.02
N THR A 172 -4.35 -2.05 -0.19
CA THR A 172 -4.25 -3.46 0.22
C THR A 172 -3.10 -3.71 1.22
N ASP A 173 -2.96 -4.96 1.70
CA ASP A 173 -1.83 -5.49 2.49
C ASP A 173 -1.41 -4.59 3.63
N TYR A 174 -2.39 -4.26 4.51
CA TYR A 174 -2.19 -3.34 5.62
C TYR A 174 -1.78 -4.02 6.88
N SER A 175 -0.89 -3.36 7.61
CA SER A 175 -0.46 -3.65 8.99
C SER A 175 0.15 -5.02 9.19
N LEU A 176 0.83 -5.53 8.14
CA LEU A 176 1.52 -6.82 8.15
C LEU A 176 2.60 -6.93 9.24
N HIS A 177 3.29 -5.81 9.56
CA HIS A 177 4.31 -5.78 10.62
C HIS A 177 3.70 -6.19 11.98
N ARG A 178 2.37 -6.04 12.16
CA ARG A 178 1.63 -6.39 13.40
C ARG A 178 1.59 -7.89 13.61
N LEU A 179 1.73 -8.65 12.54
CA LEU A 179 1.60 -10.11 12.53
C LEU A 179 2.91 -10.87 12.41
N MET A 180 4.03 -10.14 12.34
CA MET A 180 5.28 -10.81 12.03
C MET A 180 6.36 -10.81 13.11
N THR A 181 7.24 -11.84 13.02
CA THR A 181 8.43 -12.01 13.83
C THR A 181 9.42 -10.87 13.47
N PRO A 182 10.48 -10.63 14.30
CA PRO A 182 11.48 -9.61 13.92
C PRO A 182 12.08 -9.87 12.53
N ILE A 183 12.28 -11.17 12.16
CA ILE A 183 12.77 -11.61 10.85
C ILE A 183 11.84 -11.05 9.74
N GLY A 184 10.53 -11.32 9.89
CA GLY A 184 9.49 -10.85 8.99
C GLY A 184 9.54 -9.34 8.80
N MET A 185 9.57 -8.60 9.92
CA MET A 185 9.63 -7.14 9.97
C MET A 185 10.90 -6.53 9.34
N ALA A 186 12.06 -7.18 9.54
CA ALA A 186 13.35 -6.74 8.99
C ALA A 186 13.35 -6.85 7.44
N GLU A 187 12.77 -7.95 6.91
CA GLU A 187 12.65 -8.20 5.48
C GLU A 187 11.73 -7.17 4.82
N GLN A 188 10.65 -6.78 5.52
CA GLN A 188 9.71 -5.77 5.04
C GLN A 188 10.40 -4.38 4.99
N VAL A 189 11.04 -3.94 6.10
CA VAL A 189 11.76 -2.66 6.21
C VAL A 189 12.88 -2.54 5.15
N LEU A 190 13.67 -3.63 4.97
CA LEU A 190 14.76 -3.70 3.99
C LEU A 190 14.22 -3.50 2.58
N ASN A 191 13.14 -4.22 2.24
CA ASN A 191 12.48 -4.12 0.95
C ASN A 191 11.91 -2.72 0.74
N ALA A 192 11.28 -2.12 1.77
CA ALA A 192 10.76 -0.74 1.66
C ALA A 192 11.92 0.27 1.44
N GLY A 193 13.06 0.05 2.10
CA GLY A 193 14.28 0.84 1.91
C GLY A 193 14.77 0.77 0.48
N ALA A 194 14.80 -0.47 -0.09
CA ALA A 194 15.23 -0.77 -1.45
C ALA A 194 14.34 -0.10 -2.48
N LEU A 195 13.01 -0.10 -2.23
CA LEU A 195 12.00 0.50 -3.09
C LEU A 195 11.81 2.01 -2.88
N GLY A 196 12.48 2.56 -1.87
CA GLY A 196 12.46 3.98 -1.56
C GLY A 196 11.34 4.50 -0.68
N TYR A 197 10.71 3.65 0.14
CA TYR A 197 9.60 4.11 1.00
C TYR A 197 9.95 4.37 2.44
N SER A 198 11.18 4.01 2.86
CA SER A 198 11.69 4.18 4.23
C SER A 198 12.09 5.62 4.55
N PRO A 199 11.59 6.13 5.71
CA PRO A 199 11.92 7.50 6.12
C PRO A 199 13.38 7.67 6.58
N PRO A 200 13.93 8.92 6.67
CA PRO A 200 15.36 9.06 7.07
C PRO A 200 15.70 8.55 8.49
N GLU A 201 14.72 8.51 9.38
CA GLU A 201 14.93 8.06 10.76
C GLU A 201 15.18 6.55 10.86
N PHE A 202 14.83 5.77 9.82
CA PHE A 202 15.04 4.32 9.82
C PHE A 202 16.51 3.94 9.74
N SER A 203 17.33 4.83 9.13
CA SER A 203 18.78 4.70 9.04
C SER A 203 19.44 4.71 10.43
N SER A 204 18.92 5.55 11.36
CA SER A 204 19.40 5.71 12.75
C SER A 204 19.04 4.57 13.72
N THR A 205 18.24 3.59 13.26
CA THR A 205 17.80 2.45 14.08
C THR A 205 18.30 1.10 13.55
N SER A 206 18.72 0.24 14.46
CA SER A 206 19.14 -1.11 14.10
C SER A 206 17.95 -1.93 13.61
N LYS A 207 16.83 -1.81 14.33
CA LYS A 207 15.61 -2.53 14.01
C LYS A 207 14.38 -1.63 14.01
N PRO A 208 14.25 -0.79 12.99
CA PRO A 208 13.14 0.15 12.88
C PRO A 208 11.79 -0.53 12.70
N CYS A 209 10.74 0.08 13.25
CA CYS A 209 9.41 -0.46 13.17
C CYS A 209 8.50 0.49 12.36
N PRO A 210 7.72 -0.04 11.39
CA PRO A 210 6.74 0.82 10.68
C PRO A 210 5.82 1.51 11.70
N SER A 211 5.42 2.75 11.44
CA SER A 211 4.62 3.53 12.39
C SER A 211 3.75 4.55 11.67
N LEU A 212 2.93 5.30 12.44
CA LEU A 212 2.03 6.37 11.97
C LEU A 212 2.86 7.40 11.19
N LYS A 213 4.07 7.73 11.72
CA LYS A 213 5.04 8.65 11.10
C LYS A 213 5.62 8.09 9.81
N SER A 214 6.03 6.80 9.80
CA SER A 214 6.59 6.23 8.57
C SER A 214 5.56 6.18 7.44
N ASP A 215 4.27 5.97 7.78
CA ASP A 215 3.19 5.97 6.81
C ASP A 215 3.06 7.29 6.04
N VAL A 216 3.24 8.43 6.75
CA VAL A 216 3.09 9.75 6.11
C VAL A 216 4.24 9.95 5.08
N TYR A 217 5.47 9.49 5.43
CA TYR A 217 6.64 9.54 4.56
C TYR A 217 6.37 8.75 3.28
N ALA A 218 5.98 7.47 3.42
CA ALA A 218 5.67 6.56 2.32
C ALA A 218 4.53 7.09 1.45
N PHE A 219 3.53 7.76 2.08
CA PHE A 219 2.44 8.43 1.36
C PHE A 219 2.99 9.58 0.47
N GLY A 220 3.98 10.30 0.96
CA GLY A 220 4.69 11.35 0.23
C GLY A 220 5.38 10.83 -1.02
N VAL A 221 5.99 9.63 -0.93
CA VAL A 221 6.66 8.95 -2.04
C VAL A 221 5.60 8.54 -3.12
N ILE A 222 4.39 8.03 -2.69
CA ILE A 222 3.27 7.71 -3.56
C ILE A 222 2.84 8.97 -4.35
N LEU A 223 2.69 10.12 -3.67
CA LEU A 223 2.29 11.37 -4.32
C LEU A 223 3.31 11.76 -5.37
N LEU A 224 4.61 11.49 -5.07
CA LEU A 224 5.68 11.74 -6.02
C LEU A 224 5.62 10.82 -7.24
N GLU A 225 5.16 9.57 -7.07
CA GLU A 225 5.01 8.60 -8.16
C GLU A 225 3.80 9.00 -9.03
N LEU A 226 2.78 9.60 -8.40
CA LEU A 226 1.58 10.08 -9.11
C LEU A 226 1.89 11.28 -9.95
N LEU A 227 2.78 12.18 -9.43
CA LEU A 227 3.17 13.43 -10.10
C LEU A 227 4.20 13.31 -11.22
N THR A 228 5.18 12.42 -11.05
CA THR A 228 6.28 12.22 -11.98
C THR A 228 6.01 11.11 -12.99
N GLY A 229 5.18 10.13 -12.59
CA GLY A 229 4.88 8.96 -13.41
C GLY A 229 6.00 7.94 -13.33
N LYS A 230 6.92 8.10 -12.36
CA LYS A 230 8.04 7.20 -12.11
C LYS A 230 7.76 6.27 -10.94
N ILE A 231 8.22 5.01 -11.01
CA ILE A 231 8.10 4.09 -9.87
C ILE A 231 9.17 4.53 -8.84
N ALA A 232 8.89 4.40 -7.54
CA ALA A 232 9.76 4.84 -6.44
C ALA A 232 11.22 4.29 -6.48
N GLY A 233 11.38 3.00 -6.76
CA GLY A 233 12.67 2.34 -6.82
C GLY A 233 13.50 2.51 -8.09
N GLU A 234 13.09 3.37 -9.03
CA GLU A 234 13.90 3.53 -10.25
C GLU A 234 15.00 4.61 -10.06
N ILE A 235 16.23 4.30 -10.47
CA ILE A 235 17.35 5.24 -10.35
C ILE A 235 17.25 6.28 -11.46
N ILE A 236 17.59 7.54 -11.14
CA ILE A 236 17.51 8.66 -12.10
C ILE A 236 18.87 9.35 -12.25
N CYS A 237 19.25 9.68 -13.50
CA CYS A 237 20.51 10.36 -13.81
C CYS A 237 20.52 11.80 -13.33
N MET A 238 21.11 12.01 -12.13
CA MET A 238 21.22 13.30 -11.45
C MET A 238 22.28 13.18 -10.36
N VAL A 243 19.68 10.89 -7.68
CA VAL A 243 19.67 9.48 -8.03
C VAL A 243 18.42 8.82 -7.48
N ASP A 244 17.99 9.30 -6.32
CA ASP A 244 16.80 8.81 -5.64
C ASP A 244 15.61 9.61 -6.14
N LEU A 245 14.45 8.99 -6.27
CA LEU A 245 13.26 9.70 -6.73
C LEU A 245 12.97 10.90 -5.85
N THR A 246 12.95 10.69 -4.55
CA THR A 246 12.67 11.76 -3.61
C THR A 246 13.80 12.79 -3.61
N ASP A 247 15.02 12.31 -3.80
CA ASP A 247 16.18 13.19 -3.86
C ASP A 247 16.11 13.99 -5.15
N TRP A 248 15.68 13.34 -6.23
CA TRP A 248 15.56 14.01 -7.52
C TRP A 248 14.66 15.22 -7.38
N VAL A 249 13.44 14.98 -6.89
CA VAL A 249 12.46 16.04 -6.70
C VAL A 249 13.01 17.12 -5.78
N ARG A 250 13.62 16.72 -4.63
CA ARG A 250 14.23 17.61 -3.63
C ARG A 250 15.37 18.43 -4.24
N MET A 251 16.12 17.83 -5.19
CA MET A 251 17.27 18.51 -5.82
C MET A 251 16.77 19.48 -6.88
N LEU A 252 15.70 19.08 -7.57
CA LEU A 252 15.08 19.90 -8.61
C LEU A 252 14.37 21.09 -7.98
N ASP A 253 13.80 20.88 -6.80
CA ASP A 253 13.11 21.96 -6.09
C ASP A 253 14.07 23.08 -5.67
N LEU A 254 15.22 22.71 -5.03
CA LEU A 254 16.25 23.68 -4.61
C LEU A 254 16.81 24.47 -5.80
N GLU A 255 16.93 23.82 -6.95
CA GLU A 255 17.43 24.46 -8.15
C GLU A 255 16.34 25.17 -8.94
N GLU A 256 15.21 25.44 -8.29
CA GLU A 256 14.10 26.14 -8.93
C GLU A 256 13.60 25.46 -10.20
N ARG A 257 13.62 24.13 -10.23
CA ARG A 257 13.16 23.41 -11.41
C ARG A 257 12.12 22.34 -11.12
N VAL A 258 11.26 22.58 -10.14
CA VAL A 258 10.27 21.60 -9.76
C VAL A 258 9.36 21.18 -10.90
N SER A 259 8.93 22.14 -11.72
CA SER A 259 8.04 21.79 -12.83
C SER A 259 8.55 20.63 -13.69
N GLU A 260 9.85 20.56 -13.91
CA GLU A 260 10.43 19.50 -14.73
C GLU A 260 10.24 18.05 -14.23
N CYS A 261 9.77 17.89 -13.00
CA CYS A 261 9.56 16.56 -12.42
C CYS A 261 8.27 15.94 -12.93
N TYR A 262 7.27 16.79 -13.31
CA TYR A 262 5.96 16.37 -13.76
C TYR A 262 6.00 15.45 -14.94
N ASP A 263 5.16 14.42 -14.88
CA ASP A 263 4.98 13.42 -15.92
C ASP A 263 4.65 14.16 -17.24
N ARG A 264 5.29 13.75 -18.36
CA ARG A 264 5.05 14.36 -19.68
C ARG A 264 3.62 14.04 -20.20
N HIS A 265 2.97 13.00 -19.66
CA HIS A 265 1.61 12.63 -20.03
C HIS A 265 0.50 13.48 -19.35
N ILE A 266 0.86 14.56 -18.63
CA ILE A 266 -0.11 15.46 -17.98
C ILE A 266 0.18 16.93 -18.28
N ALA A 275 0.12 23.44 -16.52
CA ALA A 275 0.02 22.34 -15.55
C ALA A 275 -1.02 22.67 -14.44
N PRO A 276 -2.12 21.86 -14.26
CA PRO A 276 -3.16 22.23 -13.29
C PRO A 276 -2.59 22.54 -11.93
N GLN A 277 -3.12 23.61 -11.29
CA GLN A 277 -2.70 24.09 -9.96
C GLN A 277 -2.74 23.02 -8.90
N ALA A 278 -3.58 21.98 -9.10
CA ALA A 278 -3.75 20.83 -8.21
C ALA A 278 -2.47 20.03 -8.10
N LEU A 279 -1.71 19.92 -9.20
CA LEU A 279 -0.44 19.22 -9.27
C LEU A 279 0.60 19.93 -8.38
N ASP A 280 0.57 21.29 -8.37
CA ASP A 280 1.47 22.11 -7.56
C ASP A 280 1.09 21.96 -6.10
N GLY A 281 -0.21 21.87 -5.82
CA GLY A 281 -0.76 21.68 -4.49
C GLY A 281 -0.32 20.33 -3.97
N MET A 282 -0.44 19.31 -4.81
CA MET A 282 -0.03 17.93 -4.53
C MET A 282 1.45 17.86 -4.24
N LEU A 283 2.25 18.62 -5.02
CA LEU A 283 3.71 18.67 -4.87
C LEU A 283 4.12 19.28 -3.49
N ARG A 284 3.52 20.44 -3.13
CA ARG A 284 3.80 21.08 -1.84
C ARG A 284 3.46 20.13 -0.67
N ILE A 285 2.35 19.35 -0.83
CA ILE A 285 1.95 18.35 0.16
C ILE A 285 3.00 17.23 0.21
N ALA A 286 3.42 16.68 -0.97
CA ALA A 286 4.38 15.58 -1.08
C ALA A 286 5.68 15.95 -0.41
N LEU A 287 6.14 17.21 -0.64
CA LEU A 287 7.40 17.72 -0.07
C LEU A 287 7.34 17.84 1.44
N ARG A 288 6.16 18.17 1.98
CA ARG A 288 5.92 18.25 3.42
C ARG A 288 5.96 16.85 4.05
N CYS A 289 5.47 15.85 3.32
CA CYS A 289 5.41 14.46 3.79
C CYS A 289 6.77 13.79 3.95
N ILE A 290 7.77 14.21 3.14
CA ILE A 290 9.11 13.62 3.10
C ILE A 290 10.13 14.40 3.90
N ARG A 291 9.67 15.34 4.71
CA ARG A 291 10.57 16.11 5.61
C ARG A 291 10.86 15.20 6.82
N SER A 292 11.67 15.67 7.77
CA SER A 292 12.01 14.89 8.97
C SER A 292 10.77 14.67 9.80
N ALA A 293 10.76 13.57 10.61
CA ALA A 293 9.64 13.15 11.46
C ALA A 293 8.99 14.33 12.20
N SER A 294 9.84 15.20 12.76
CA SER A 294 9.48 16.39 13.52
C SER A 294 8.73 17.45 12.72
N GLU A 295 9.06 17.60 11.42
CA GLU A 295 8.45 18.58 10.52
C GLU A 295 7.34 17.96 9.67
N ARG A 296 7.23 16.64 9.69
CA ARG A 296 6.26 15.85 8.91
C ARG A 296 4.81 16.07 9.41
N PRO A 297 3.85 16.45 8.53
CA PRO A 297 2.47 16.71 8.99
C PRO A 297 1.73 15.44 9.40
N GLU A 298 0.70 15.64 10.22
CA GLU A 298 -0.23 14.58 10.60
C GLU A 298 -1.05 14.18 9.34
N VAL A 299 -1.58 12.96 9.28
CA VAL A 299 -2.25 12.51 8.05
C VAL A 299 -3.64 13.22 7.81
N ARG A 300 -4.37 13.64 8.87
CA ARG A 300 -5.63 14.39 8.70
C ARG A 300 -5.39 15.72 7.94
N THR A 301 -4.26 16.41 8.24
CA THR A 301 -3.88 17.67 7.59
C THR A 301 -3.67 17.44 6.09
N VAL A 302 -2.94 16.35 5.75
CA VAL A 302 -2.61 15.94 4.39
C VAL A 302 -3.91 15.62 3.64
N PHE A 303 -4.80 14.79 4.24
CA PHE A 303 -6.09 14.44 3.66
C PHE A 303 -6.90 15.74 3.39
N GLU A 304 -7.04 16.62 4.41
CA GLU A 304 -7.76 17.90 4.28
C GLU A 304 -7.18 18.79 3.17
N ASP A 305 -5.82 18.86 3.07
CA ASP A 305 -5.15 19.67 2.08
C ASP A 305 -5.31 19.11 0.68
N LEU A 306 -5.27 17.78 0.52
CA LEU A 306 -5.52 17.15 -0.78
C LEU A 306 -6.99 17.38 -1.16
N LEU A 307 -7.90 17.32 -0.17
CA LEU A 307 -9.33 17.48 -0.38
C LEU A 307 -9.69 18.92 -0.79
N SER A 308 -8.98 19.94 -0.30
CA SER A 308 -9.22 21.33 -0.67
C SER A 308 -8.89 21.56 -2.16
N LEU A 309 -7.98 20.75 -2.72
CA LEU A 309 -7.59 20.78 -4.14
C LEU A 309 -8.70 20.29 -5.06
N SER A 310 -9.68 19.50 -4.55
CA SER A 310 -10.79 19.02 -5.38
C SER A 310 -11.93 20.08 -5.42
N SER A 311 -11.66 21.28 -4.87
CA SER A 311 -12.55 22.43 -4.91
C SER A 311 -11.77 23.56 -5.55
PG ANP B . 3.35 -6.89 -0.43
O1G ANP B . 1.87 -6.74 -0.58
O2G ANP B . 3.60 -8.28 0.02
O3G ANP B . 3.83 -5.94 0.59
PB ANP B . 3.44 -6.68 -3.34
O1B ANP B . 2.25 -5.77 -3.47
O2B ANP B . 4.49 -6.63 -4.39
N3B ANP B . 4.09 -6.62 -1.85
PA ANP B . 1.37 -8.72 -3.56
O1A ANP B . 0.49 -7.92 -2.68
O2A ANP B . 1.42 -10.20 -3.37
O3A ANP B . 2.87 -8.16 -3.44
O5' ANP B . 1.04 -8.41 -5.09
C5' ANP B . 1.81 -9.07 -6.12
C4' ANP B . 1.83 -8.21 -7.36
O4' ANP B . 0.52 -8.24 -7.98
C3' ANP B . 2.14 -6.72 -7.15
O3' ANP B . 2.79 -6.17 -8.28
C2' ANP B . 0.75 -6.12 -6.95
O2' ANP B . 0.70 -4.76 -7.32
C1' ANP B . -0.11 -6.98 -7.86
N9 ANP B . -1.45 -7.23 -7.35
C8 ANP B . -1.78 -7.78 -6.15
N7 ANP B . -3.08 -7.89 -5.97
C5 ANP B . -3.63 -7.40 -7.14
C6 ANP B . -4.95 -7.26 -7.61
N6 ANP B . -6.02 -7.61 -6.90
N1 ANP B . -5.15 -6.73 -8.84
C2 ANP B . -4.07 -6.37 -9.56
N3 ANP B . -2.79 -6.46 -9.23
C4 ANP B . -2.63 -6.99 -8.00
MG MG C . 0.40 -6.25 -2.14
#